data_8HFM
#
_entry.id   8HFM
#
_cell.length_a   69.810
_cell.length_b   69.810
_cell.length_c   236.011
_cell.angle_alpha   90.00
_cell.angle_beta   90.00
_cell.angle_gamma   90.00
#
_symmetry.space_group_name_H-M   'P 41 2 2'
#
loop_
_entity.id
_entity.type
_entity.pdbx_description
1 polymer 'L-cysteine:1D-myo-inositol 2-amino-2-deoxy-alpha-D-glucopyranoside ligase'
2 non-polymer 'CALCIUM ION'
3 non-polymer 'ZINC ION'
4 water water
#
_entity_poly.entity_id   1
_entity_poly.type   'polypeptide(L)'
_entity_poly.pdbx_seq_one_letter_code
;GMQSWSAPAIPVVPGRGPALRLFDSADRQVRPVTPGPTATMYVCGITPYDATHLGHAATYLTFDLVHRLWLDAGHTVQYV
QNVTDVDDPLFERAERDGIDWRTLGDRETQLFREDMAALRVLPPHDYVAATDAIAEVVEMVEKLLASGAAYIVEDAEYPD
VYFRADATAQFGYESGYDRDTMLTLFAERGGDPDRPGKSDQLDALLWRAERPGEPSWPSPFGRGRPGWHVECSAIALTRI
GTGLDIQGGGSDLIFPHHEYSAAHAESVTGERRFARHYVHTGMIGWDGHKMSKSRGNLVLVSQLRAQGVDPSAIRLGLFS
GHYREDRFWSNEVLDEANARLARWRSATALPEAPDATDVIARVRQYLADDLDTPKALAALDGWCTDALSYGGHDTESPRL
VATTVDALLGVDL
;
_entity_poly.pdbx_strand_id   A
#
loop_
_chem_comp.id
_chem_comp.type
_chem_comp.name
_chem_comp.formula
CA non-polymer 'CALCIUM ION' 'Ca 2'
ZN non-polymer 'ZINC ION' 'Zn 2'
#
# COMPACT_ATOMS: atom_id res chain seq x y z
N MET A 2 -9.52 -8.07 13.37
CA MET A 2 -8.45 -7.49 14.20
C MET A 2 -8.56 -5.96 14.23
N GLN A 3 -8.14 -5.36 15.34
CA GLN A 3 -8.31 -3.92 15.56
C GLN A 3 -7.33 -3.11 14.71
N SER A 4 -7.86 -2.10 14.01
CA SER A 4 -7.03 -1.19 13.23
C SER A 4 -6.80 0.12 13.98
N TRP A 5 -7.32 1.22 13.45
CA TRP A 5 -7.26 2.51 14.13
C TRP A 5 -8.51 3.31 13.81
N SER A 6 -8.70 4.40 14.56
CA SER A 6 -9.89 5.22 14.39
C SER A 6 -9.79 6.09 13.13
N ALA A 7 -10.94 6.30 12.51
CA ALA A 7 -11.10 7.09 11.30
C ALA A 7 -11.45 8.53 11.66
N PRO A 8 -10.96 9.50 10.92
CA PRO A 8 -11.38 10.88 11.13
C PRO A 8 -12.69 11.15 10.41
N ALA A 9 -13.31 12.27 10.77
CA ALA A 9 -14.50 12.73 10.06
C ALA A 9 -14.15 13.03 8.60
N ILE A 10 -14.96 12.54 7.69
CA ILE A 10 -14.72 12.82 6.27
C ILE A 10 -15.78 13.80 5.78
N PRO A 11 -15.45 15.07 5.55
CA PRO A 11 -16.47 16.01 5.05
C PRO A 11 -16.81 15.72 3.60
N VAL A 12 -17.99 16.19 3.19
CA VAL A 12 -18.54 15.92 1.87
C VAL A 12 -18.27 17.10 0.97
N VAL A 13 -17.55 16.87 -0.12
CA VAL A 13 -17.25 17.91 -1.10
C VAL A 13 -18.37 17.88 -2.15
N PRO A 14 -19.12 18.98 -2.30
CA PRO A 14 -20.19 18.98 -3.31
C PRO A 14 -19.61 18.89 -4.72
N GLY A 15 -20.48 18.61 -5.66
CA GLY A 15 -20.04 18.41 -7.02
C GLY A 15 -19.44 17.03 -7.21
N ARG A 16 -18.67 16.90 -8.29
CA ARG A 16 -18.08 15.62 -8.67
C ARG A 16 -17.00 15.89 -9.70
N GLY A 17 -15.99 15.00 -9.73
CA GLY A 17 -14.89 15.15 -10.63
C GLY A 17 -14.68 13.92 -11.51
N PRO A 18 -13.70 13.98 -12.41
CA PRO A 18 -13.44 12.86 -13.32
C PRO A 18 -13.13 11.58 -12.55
N ALA A 19 -13.31 10.45 -13.23
CA ALA A 19 -13.02 9.16 -12.64
C ALA A 19 -11.52 8.93 -12.53
N LEU A 20 -11.12 8.17 -11.51
CA LEU A 20 -9.72 7.96 -11.23
C LEU A 20 -9.07 7.08 -12.31
N ARG A 21 -7.92 7.52 -12.80
CA ARG A 21 -7.07 6.72 -13.68
CA ARG A 21 -7.07 6.74 -13.69
C ARG A 21 -5.73 6.53 -13.00
N LEU A 22 -5.20 5.32 -13.04
CA LEU A 22 -3.94 5.03 -12.37
C LEU A 22 -2.97 4.37 -13.34
N PHE A 23 -1.69 4.54 -13.04
CA PHE A 23 -0.65 3.78 -13.70
C PHE A 23 -0.72 2.31 -13.27
N ASP A 24 -0.74 1.40 -14.25
CA ASP A 24 -0.67 -0.04 -13.97
C ASP A 24 0.74 -0.51 -14.25
N SER A 25 1.39 -1.09 -13.23
CA SER A 25 2.77 -1.56 -13.39
C SER A 25 2.88 -2.67 -14.41
N ALA A 26 1.86 -3.52 -14.53
CA ALA A 26 1.90 -4.59 -15.52
C ALA A 26 1.93 -4.03 -16.94
N ASP A 27 0.86 -3.34 -17.34
CA ASP A 27 0.79 -2.72 -18.65
C ASP A 27 1.79 -1.59 -18.83
N ARG A 28 2.27 -1.00 -17.74
CA ARG A 28 3.16 0.16 -17.80
C ARG A 28 2.47 1.32 -18.52
N GLN A 29 1.20 1.55 -18.18
CA GLN A 29 0.47 2.69 -18.74
C GLN A 29 -0.67 3.10 -17.82
N VAL A 30 -1.13 4.33 -18.01
CA VAL A 30 -2.18 4.92 -17.18
C VAL A 30 -3.52 4.60 -17.81
N ARG A 31 -4.37 3.87 -17.09
CA ARG A 31 -5.65 3.40 -17.58
C ARG A 31 -6.74 3.68 -16.56
N PRO A 32 -8.00 3.78 -16.99
CA PRO A 32 -9.09 4.07 -16.06
C PRO A 32 -9.25 3.01 -14.99
N VAL A 33 -9.59 3.47 -13.78
CA VAL A 33 -9.98 2.60 -12.70
C VAL A 33 -11.50 2.65 -12.63
N THR A 34 -12.15 1.57 -13.07
CA THR A 34 -13.59 1.51 -13.24
C THR A 34 -14.15 0.45 -12.30
N PRO A 35 -14.26 0.74 -11.01
CA PRO A 35 -14.82 -0.22 -10.06
C PRO A 35 -16.33 -0.29 -10.16
N GLY A 36 -16.90 -1.33 -9.54
CA GLY A 36 -18.32 -1.41 -9.37
C GLY A 36 -18.80 -0.50 -8.26
N PRO A 37 -20.05 -0.68 -7.84
CA PRO A 37 -20.56 0.13 -6.71
C PRO A 37 -19.68 0.05 -5.48
N THR A 38 -19.14 -1.12 -5.16
CA THR A 38 -18.13 -1.25 -4.12
C THR A 38 -16.77 -1.39 -4.78
N ALA A 39 -15.85 -0.50 -4.43
CA ALA A 39 -14.49 -0.52 -4.93
C ALA A 39 -13.61 -1.32 -3.99
N THR A 40 -12.75 -2.17 -4.56
CA THR A 40 -11.99 -3.12 -3.76
C THR A 40 -10.50 -2.82 -3.87
N MET A 41 -9.80 -3.01 -2.75
CA MET A 41 -8.39 -2.65 -2.65
C MET A 41 -7.73 -3.53 -1.61
N TYR A 42 -6.64 -4.19 -2.02
CA TYR A 42 -5.75 -4.89 -1.10
C TYR A 42 -4.39 -4.21 -1.15
N VAL A 43 -3.96 -3.66 -0.02
CA VAL A 43 -2.62 -3.10 0.12
C VAL A 43 -1.87 -3.99 1.10
N CYS A 44 -0.63 -4.34 0.75
CA CYS A 44 0.16 -5.20 1.62
C CYS A 44 0.60 -4.39 2.84
N GLY A 45 0.49 -5.01 4.02
CA GLY A 45 0.76 -4.32 5.26
C GLY A 45 2.22 -4.34 5.64
N ILE A 46 2.47 -4.16 6.93
CA ILE A 46 3.80 -4.01 7.47
C ILE A 46 4.25 -5.30 8.12
N THR A 47 5.55 -5.41 8.38
CA THR A 47 6.09 -6.47 9.21
C THR A 47 6.40 -5.91 10.59
N PRO A 48 5.81 -6.45 11.66
CA PRO A 48 6.09 -5.91 13.00
C PRO A 48 7.51 -6.18 13.49
N TYR A 49 8.23 -7.11 12.87
CA TYR A 49 9.57 -7.46 13.30
C TYR A 49 10.64 -6.52 12.76
N ASP A 50 10.25 -5.45 12.08
CA ASP A 50 11.17 -4.43 11.60
C ASP A 50 10.55 -3.07 11.86
N ALA A 51 11.31 -2.02 11.58
CA ALA A 51 10.85 -0.66 11.84
C ALA A 51 10.00 -0.14 10.70
N THR A 52 8.84 0.40 11.04
CA THR A 52 7.93 1.01 10.07
C THR A 52 8.29 2.48 9.90
N HIS A 53 8.80 2.84 8.73
CA HIS A 53 9.40 4.14 8.56
C HIS A 53 8.59 4.98 7.57
N LEU A 54 9.19 6.11 7.16
CA LEU A 54 8.44 7.12 6.43
C LEU A 54 8.08 6.64 5.03
N GLY A 55 8.97 5.87 4.39
CA GLY A 55 8.62 5.26 3.12
C GLY A 55 7.39 4.38 3.20
N HIS A 56 7.29 3.57 4.27
CA HIS A 56 6.09 2.77 4.47
C HIS A 56 4.86 3.65 4.63
N ALA A 57 4.97 4.69 5.46
CA ALA A 57 3.87 5.64 5.61
C ALA A 57 3.48 6.27 4.28
N ALA A 58 4.48 6.59 3.45
CA ALA A 58 4.16 7.20 2.16
C ALA A 58 3.29 6.27 1.33
N THR A 59 3.53 4.97 1.43
CA THR A 59 2.71 3.99 0.69
C THR A 59 1.26 4.04 1.13
N TYR A 60 1.01 3.97 2.44
CA TYR A 60 -0.38 3.98 2.90
C TYR A 60 -1.04 5.34 2.69
N LEU A 61 -0.27 6.42 2.69
CA LEU A 61 -0.83 7.72 2.33
C LEU A 61 -1.26 7.74 0.86
N THR A 62 -0.45 7.13 -0.02
CA THR A 62 -0.82 7.08 -1.43
C THR A 62 -2.17 6.41 -1.62
N PHE A 63 -2.37 5.26 -0.97
CA PHE A 63 -3.64 4.57 -1.09
C PHE A 63 -4.74 5.22 -0.26
N ASP A 64 -4.39 6.09 0.70
CA ASP A 64 -5.43 6.89 1.32
C ASP A 64 -6.11 7.79 0.30
N LEU A 65 -5.32 8.39 -0.60
CA LEU A 65 -5.89 9.26 -1.62
C LEU A 65 -6.83 8.48 -2.54
N VAL A 66 -6.41 7.28 -2.97
CA VAL A 66 -7.31 6.42 -3.74
C VAL A 66 -8.59 6.20 -2.96
N HIS A 67 -8.47 5.82 -1.69
CA HIS A 67 -9.63 5.61 -0.83
C HIS A 67 -10.48 6.88 -0.76
N ARG A 68 -9.85 8.03 -0.54
CA ARG A 68 -10.62 9.25 -0.41
C ARG A 68 -11.25 9.67 -1.74
N LEU A 69 -10.56 9.42 -2.86
CA LEU A 69 -11.12 9.78 -4.15
C LEU A 69 -12.28 8.84 -4.53
N TRP A 70 -12.20 7.57 -4.12
CA TRP A 70 -13.30 6.66 -4.33
C TRP A 70 -14.51 7.05 -3.50
N LEU A 71 -14.28 7.51 -2.27
CA LEU A 71 -15.37 7.99 -1.46
C LEU A 71 -15.97 9.27 -2.03
N ASP A 72 -15.13 10.14 -2.60
CA ASP A 72 -15.64 11.37 -3.20
C ASP A 72 -16.55 11.09 -4.37
N ALA A 73 -16.30 10.02 -5.12
CA ALA A 73 -17.13 9.62 -6.24
C ALA A 73 -18.36 8.82 -5.82
N GLY A 74 -18.57 8.64 -4.51
CA GLY A 74 -19.73 7.94 -4.02
C GLY A 74 -19.61 6.44 -3.95
N HIS A 75 -18.44 5.88 -4.26
CA HIS A 75 -18.26 4.45 -4.06
C HIS A 75 -18.23 4.14 -2.57
N THR A 76 -18.82 3.01 -2.20
CA THR A 76 -18.46 2.35 -0.96
C THR A 76 -17.18 1.57 -1.23
N VAL A 77 -16.31 1.49 -0.22
CA VAL A 77 -14.98 0.93 -0.43
C VAL A 77 -14.79 -0.26 0.50
N GLN A 78 -14.15 -1.31 -0.02
CA GLN A 78 -13.67 -2.41 0.81
C GLN A 78 -12.14 -2.38 0.77
N TYR A 79 -11.56 -1.77 1.80
CA TYR A 79 -10.11 -1.71 1.97
C TYR A 79 -9.69 -2.87 2.87
N VAL A 80 -8.83 -3.73 2.34
CA VAL A 80 -8.29 -4.88 3.08
C VAL A 80 -6.78 -4.70 3.18
N GLN A 81 -6.24 -4.91 4.38
CA GLN A 81 -4.80 -4.80 4.64
C GLN A 81 -4.42 -5.88 5.64
N ASN A 82 -3.22 -6.41 5.47
CA ASN A 82 -2.73 -7.53 6.26
C ASN A 82 -1.62 -7.08 7.22
N VAL A 83 -1.16 -8.02 8.04
CA VAL A 83 0.04 -7.86 8.87
C VAL A 83 0.86 -9.14 8.73
N THR A 84 2.10 -9.02 8.27
CA THR A 84 2.95 -10.19 8.05
C THR A 84 3.67 -10.53 9.35
N ASP A 85 2.97 -11.26 10.22
CA ASP A 85 3.50 -11.68 11.50
C ASP A 85 4.09 -13.10 11.47
N VAL A 86 4.39 -13.62 10.28
CA VAL A 86 4.97 -14.95 10.13
C VAL A 86 6.46 -14.81 9.83
N ASP A 87 7.25 -15.72 10.40
CA ASP A 87 8.72 -15.73 10.27
C ASP A 87 9.33 -14.45 10.82
N ASP A 88 9.84 -13.60 9.94
CA ASP A 88 10.47 -12.35 10.36
C ASP A 88 10.39 -11.33 9.24
N ASP A 97 13.58 -13.90 19.94
CA ASP A 97 14.69 -13.04 20.34
C ASP A 97 14.88 -13.06 21.85
N GLY A 98 15.33 -11.95 22.41
CA GLY A 98 15.47 -11.80 23.84
C GLY A 98 14.12 -11.95 24.53
N ILE A 99 13.31 -10.89 24.45
CA ILE A 99 11.90 -11.03 24.80
C ILE A 99 11.18 -11.73 23.65
N ASP A 100 10.00 -12.29 23.95
CA ASP A 100 9.28 -13.09 22.97
C ASP A 100 9.01 -12.29 21.70
N TRP A 101 8.93 -13.02 20.58
CA TRP A 101 8.67 -12.38 19.29
C TRP A 101 7.31 -11.69 19.25
N ARG A 102 6.41 -12.04 20.16
CA ARG A 102 5.11 -11.38 20.21
C ARG A 102 5.18 -10.04 20.93
N THR A 103 6.05 -9.91 21.93
CA THR A 103 6.14 -8.70 22.75
C THR A 103 6.58 -7.50 21.92
N LEU A 104 7.82 -7.52 21.41
CA LEU A 104 8.30 -6.40 20.60
C LEU A 104 7.59 -6.31 19.26
N GLY A 105 6.93 -7.38 18.83
CA GLY A 105 6.16 -7.37 17.60
C GLY A 105 4.83 -6.67 17.76
N ASP A 106 4.14 -6.94 18.87
CA ASP A 106 2.86 -6.28 19.12
C ASP A 106 3.02 -4.77 19.29
N ARG A 107 4.19 -4.33 19.79
CA ARG A 107 4.40 -2.90 20.03
C ARG A 107 4.59 -2.14 18.72
N GLU A 108 5.28 -2.74 17.74
CA GLU A 108 5.44 -2.08 16.45
C GLU A 108 4.10 -1.93 15.73
N THR A 109 3.19 -2.88 15.91
CA THR A 109 1.87 -2.78 15.29
C THR A 109 1.06 -1.67 15.94
N GLN A 110 1.11 -1.57 17.26
CA GLN A 110 0.37 -0.51 17.95
C GLN A 110 0.89 0.87 17.57
N LEU A 111 2.21 1.04 17.56
CA LEU A 111 2.79 2.31 17.12
C LEU A 111 2.39 2.63 15.68
N PHE A 112 2.24 1.60 14.84
CA PHE A 112 1.76 1.82 13.48
C PHE A 112 0.33 2.36 13.49
N ARG A 113 -0.50 1.88 14.43
CA ARG A 113 -1.86 2.41 14.53
C ARG A 113 -1.85 3.89 14.88
N GLU A 114 -1.08 4.26 15.89
CA GLU A 114 -1.02 5.67 16.29
C GLU A 114 -0.40 6.54 15.21
N ASP A 115 0.55 5.99 14.44
CA ASP A 115 1.10 6.78 13.34
C ASP A 115 0.06 6.98 12.25
N MET A 116 -0.74 5.95 11.98
CA MET A 116 -1.80 6.06 10.96
C MET A 116 -2.91 7.00 11.42
N ALA A 117 -3.35 6.88 12.68
CA ALA A 117 -4.39 7.74 13.22
C ALA A 117 -3.95 9.20 13.24
N ALA A 118 -2.73 9.46 13.73
CA ALA A 118 -2.23 10.82 13.76
C ALA A 118 -2.13 11.41 12.36
N LEU A 119 -1.83 10.59 11.35
CA LEU A 119 -1.80 11.04 9.97
C LEU A 119 -3.18 11.10 9.33
N ARG A 120 -4.24 10.81 10.09
CA ARG A 120 -5.62 10.88 9.58
C ARG A 120 -5.81 9.94 8.39
N VAL A 121 -5.13 8.81 8.40
CA VAL A 121 -5.27 7.80 7.36
C VAL A 121 -6.55 7.01 7.61
N LEU A 122 -7.36 6.87 6.57
CA LEU A 122 -8.57 6.06 6.70
C LEU A 122 -8.16 4.61 6.97
N PRO A 123 -8.71 3.98 8.00
CA PRO A 123 -8.33 2.61 8.34
C PRO A 123 -8.95 1.61 7.38
N PRO A 124 -8.33 0.44 7.21
CA PRO A 124 -8.93 -0.62 6.39
C PRO A 124 -10.21 -1.15 7.04
N HIS A 125 -11.07 -1.72 6.21
CA HIS A 125 -12.28 -2.34 6.72
C HIS A 125 -12.05 -3.77 7.17
N ASP A 126 -10.94 -4.38 6.78
CA ASP A 126 -10.58 -5.73 7.21
C ASP A 126 -9.08 -5.76 7.43
N TYR A 127 -8.66 -5.64 8.69
CA TYR A 127 -7.26 -5.73 9.08
C TYR A 127 -6.98 -7.17 9.49
N VAL A 128 -6.37 -7.94 8.59
CA VAL A 128 -6.28 -9.39 8.71
C VAL A 128 -4.83 -9.78 9.02
N ALA A 129 -4.60 -10.25 10.25
CA ALA A 129 -3.30 -10.80 10.59
C ALA A 129 -3.05 -12.09 9.81
N ALA A 130 -1.79 -12.29 9.40
CA ALA A 130 -1.45 -13.49 8.64
C ALA A 130 -1.63 -14.76 9.48
N THR A 131 -1.61 -14.65 10.81
CA THR A 131 -1.84 -15.81 11.67
C THR A 131 -3.33 -16.12 11.84
N ASP A 132 -4.21 -15.15 11.57
CA ASP A 132 -5.64 -15.38 11.56
C ASP A 132 -6.16 -15.82 10.20
N ALA A 133 -5.28 -16.19 9.28
CA ALA A 133 -5.70 -16.65 7.96
C ALA A 133 -5.01 -17.96 7.58
N ILE A 134 -4.71 -18.81 8.56
CA ILE A 134 -4.02 -20.06 8.26
C ILE A 134 -4.92 -21.02 7.49
N ALA A 135 -6.20 -21.09 7.88
CA ALA A 135 -7.12 -22.01 7.21
C ALA A 135 -7.30 -21.63 5.75
N GLU A 136 -7.47 -20.33 5.46
CA GLU A 136 -7.67 -19.89 4.09
C GLU A 136 -6.49 -20.27 3.21
N VAL A 137 -5.27 -20.18 3.74
CA VAL A 137 -4.09 -20.59 2.99
C VAL A 137 -4.12 -22.08 2.70
N VAL A 138 -4.45 -22.89 3.73
CA VAL A 138 -4.50 -24.33 3.55
C VAL A 138 -5.51 -24.70 2.48
N GLU A 139 -6.63 -23.97 2.43
CA GLU A 139 -7.63 -24.23 1.40
C GLU A 139 -7.06 -24.01 0.01
N MET A 140 -6.34 -22.90 -0.19
CA MET A 140 -5.81 -22.62 -1.53
C MET A 140 -4.71 -23.59 -1.91
N VAL A 141 -3.85 -23.99 -0.96
CA VAL A 141 -2.81 -24.95 -1.29
C VAL A 141 -3.43 -26.29 -1.69
N GLU A 142 -4.50 -26.70 -1.01
CA GLU A 142 -5.19 -27.94 -1.37
C GLU A 142 -5.65 -27.88 -2.83
N LYS A 143 -6.30 -26.78 -3.23
CA LYS A 143 -6.73 -26.65 -4.61
C LYS A 143 -5.54 -26.65 -5.57
N LEU A 144 -4.45 -25.96 -5.20
CA LEU A 144 -3.28 -25.88 -6.05
C LEU A 144 -2.60 -27.24 -6.20
N LEU A 145 -2.60 -28.06 -5.15
CA LEU A 145 -2.03 -29.39 -5.26
C LEU A 145 -2.89 -30.30 -6.12
N ALA A 146 -4.21 -30.20 -5.99
CA ALA A 146 -5.09 -31.13 -6.70
C ALA A 146 -5.14 -30.86 -8.19
N SER A 147 -4.77 -29.65 -8.63
CA SER A 147 -4.77 -29.31 -10.04
C SER A 147 -3.42 -29.50 -10.70
N GLY A 148 -2.38 -29.84 -9.94
CA GLY A 148 -1.04 -29.96 -10.47
C GLY A 148 -0.24 -28.68 -10.46
N ALA A 149 -0.84 -27.55 -10.06
CA ALA A 149 -0.10 -26.29 -10.00
C ALA A 149 0.97 -26.30 -8.92
N ALA A 150 0.81 -27.11 -7.88
CA ALA A 150 1.79 -27.23 -6.80
C ALA A 150 2.24 -28.68 -6.70
N TYR A 151 3.36 -28.89 -6.00
CA TYR A 151 3.88 -30.22 -5.74
C TYR A 151 4.58 -30.23 -4.38
N ILE A 152 4.85 -31.43 -3.89
CA ILE A 152 5.63 -31.63 -2.67
C ILE A 152 7.04 -32.01 -3.07
N VAL A 153 8.03 -31.22 -2.65
CA VAL A 153 9.41 -31.54 -2.96
C VAL A 153 9.76 -32.91 -2.37
N GLU A 154 10.64 -33.63 -3.07
CA GLU A 154 11.04 -34.98 -2.69
C GLU A 154 12.12 -34.89 -1.60
N ASP A 155 11.66 -34.66 -0.37
CA ASP A 155 12.51 -34.57 0.79
C ASP A 155 11.95 -35.46 1.88
N ALA A 156 12.83 -36.24 2.53
CA ALA A 156 12.39 -37.15 3.58
C ALA A 156 11.85 -36.39 4.78
N GLU A 157 12.66 -35.50 5.36
CA GLU A 157 12.28 -34.88 6.63
C GLU A 157 11.49 -33.59 6.46
N TYR A 158 11.67 -32.88 5.35
CA TYR A 158 11.05 -31.57 5.15
C TYR A 158 10.31 -31.57 3.82
N PRO A 159 9.08 -32.10 3.80
CA PRO A 159 8.28 -32.15 2.56
C PRO A 159 7.60 -30.82 2.26
N ASP A 160 8.41 -29.82 1.89
CA ASP A 160 7.89 -28.51 1.54
C ASP A 160 6.97 -28.59 0.33
N VAL A 161 5.97 -27.71 0.28
CA VAL A 161 5.08 -27.59 -0.86
C VAL A 161 5.46 -26.37 -1.68
N TYR A 162 5.63 -26.54 -2.99
CA TYR A 162 6.09 -25.48 -3.87
C TYR A 162 5.08 -25.23 -4.99
N PHE A 163 4.97 -23.96 -5.37
CA PHE A 163 4.15 -23.53 -6.49
C PHE A 163 4.99 -23.53 -7.76
N ARG A 164 4.48 -24.16 -8.81
CA ARG A 164 5.20 -24.26 -10.07
C ARG A 164 5.25 -22.89 -10.77
N ALA A 165 6.46 -22.39 -10.98
CA ALA A 165 6.63 -21.11 -11.67
C ALA A 165 5.89 -21.07 -12.99
N ASP A 166 5.70 -22.22 -13.65
CA ASP A 166 5.02 -22.27 -14.95
C ASP A 166 3.55 -22.68 -14.83
N ALA A 167 2.98 -22.67 -13.62
CA ALA A 167 1.57 -23.02 -13.48
C ALA A 167 0.67 -22.08 -14.28
N THR A 168 1.07 -20.82 -14.45
CA THR A 168 0.33 -19.88 -15.28
C THR A 168 1.16 -19.58 -16.53
N ALA A 169 0.50 -19.63 -17.70
CA ALA A 169 1.16 -19.27 -18.94
C ALA A 169 1.66 -17.83 -18.91
N GLN A 170 0.99 -16.97 -18.16
CA GLN A 170 1.27 -15.54 -18.19
C GLN A 170 2.25 -15.12 -17.11
N PHE A 171 2.88 -16.08 -16.43
CA PHE A 171 3.81 -15.77 -15.36
C PHE A 171 4.88 -14.78 -15.83
N GLY A 172 5.10 -13.73 -15.05
CA GLY A 172 6.02 -12.67 -15.42
C GLY A 172 5.36 -11.43 -16.00
N TYR A 173 4.06 -11.48 -16.24
CA TYR A 173 3.40 -10.31 -16.83
C TYR A 173 3.32 -9.14 -15.87
N GLU A 174 3.22 -9.42 -14.56
CA GLU A 174 3.01 -8.36 -13.59
C GLU A 174 4.27 -7.52 -13.37
N SER A 175 5.45 -8.13 -13.45
CA SER A 175 6.68 -7.40 -13.21
C SER A 175 7.42 -7.00 -14.49
N GLY A 176 7.38 -7.84 -15.53
CA GLY A 176 8.13 -7.57 -16.73
C GLY A 176 9.57 -7.99 -16.69
N TYR A 177 10.06 -8.49 -15.56
CA TYR A 177 11.48 -8.79 -15.42
C TYR A 177 11.86 -10.03 -16.21
N ASP A 178 13.10 -10.03 -16.71
CA ASP A 178 13.68 -11.23 -17.29
C ASP A 178 13.99 -12.25 -16.19
N ARG A 179 14.36 -13.46 -16.62
CA ARG A 179 14.52 -14.57 -15.68
C ARG A 179 15.73 -14.36 -14.78
N ASP A 180 16.86 -13.92 -15.34
CA ASP A 180 18.05 -13.67 -14.52
C ASP A 180 17.77 -12.60 -13.47
N THR A 181 17.15 -11.50 -13.88
CA THR A 181 16.77 -10.46 -12.93
C THR A 181 15.85 -11.02 -11.86
N MET A 182 14.94 -11.91 -12.28
CA MET A 182 14.03 -12.57 -11.35
C MET A 182 14.81 -13.42 -10.35
N LEU A 183 15.78 -14.21 -10.85
CA LEU A 183 16.59 -15.04 -9.97
C LEU A 183 17.39 -14.20 -8.98
N THR A 184 17.97 -13.08 -9.45
CA THR A 184 18.78 -12.24 -8.57
C THR A 184 17.94 -11.61 -7.47
N LEU A 185 16.73 -11.15 -7.83
CA LEU A 185 15.83 -10.56 -6.84
C LEU A 185 15.27 -11.63 -5.92
N PHE A 186 14.96 -12.81 -6.47
CA PHE A 186 14.42 -13.91 -5.69
C PHE A 186 15.31 -14.22 -4.49
N ALA A 187 16.63 -14.26 -4.72
CA ALA A 187 17.56 -14.62 -3.66
C ALA A 187 17.62 -13.56 -2.57
N GLU A 188 17.49 -12.28 -2.93
CA GLU A 188 17.63 -11.17 -2.00
C GLU A 188 16.33 -10.74 -1.36
N ARG A 189 15.19 -11.27 -1.81
CA ARG A 189 13.88 -10.85 -1.30
C ARG A 189 13.08 -12.01 -0.73
N GLY A 190 13.75 -13.09 -0.31
CA GLY A 190 13.12 -14.15 0.46
C GLY A 190 13.00 -15.49 -0.24
N GLY A 191 13.39 -15.61 -1.51
CA GLY A 191 13.25 -16.87 -2.21
C GLY A 191 14.37 -17.84 -1.89
N ASP A 192 14.22 -19.07 -2.39
CA ASP A 192 15.18 -20.15 -2.15
C ASP A 192 15.54 -20.80 -3.47
N PRO A 193 16.21 -20.07 -4.36
CA PRO A 193 16.45 -20.61 -5.72
C PRO A 193 17.33 -21.85 -5.75
N ASP A 194 18.13 -22.10 -4.70
CA ASP A 194 19.06 -23.22 -4.67
C ASP A 194 18.62 -24.33 -3.71
N ARG A 195 17.40 -24.27 -3.20
CA ARG A 195 16.86 -25.35 -2.40
C ARG A 195 16.86 -26.64 -3.22
N PRO A 196 17.40 -27.74 -2.70
CA PRO A 196 17.47 -28.97 -3.50
C PRO A 196 16.09 -29.58 -3.72
N GLY A 197 15.94 -30.24 -4.87
CA GLY A 197 14.72 -30.94 -5.20
C GLY A 197 13.70 -30.12 -5.96
N LYS A 198 13.90 -28.81 -6.10
CA LYS A 198 12.93 -27.99 -6.82
C LYS A 198 13.07 -28.22 -8.31
N SER A 199 11.93 -28.36 -8.99
CA SER A 199 11.99 -28.57 -10.43
C SER A 199 12.42 -27.31 -11.17
N ASP A 200 12.14 -26.14 -10.62
CA ASP A 200 12.57 -24.87 -11.20
C ASP A 200 13.01 -23.92 -10.08
N GLN A 201 14.12 -23.23 -10.31
CA GLN A 201 14.65 -22.30 -9.30
C GLN A 201 13.60 -21.31 -8.83
N LEU A 202 12.75 -20.85 -9.75
CA LEU A 202 11.76 -19.83 -9.45
C LEU A 202 10.48 -20.38 -8.84
N ASP A 203 10.41 -21.68 -8.56
CA ASP A 203 9.26 -22.22 -7.86
C ASP A 203 9.15 -21.58 -6.48
N ALA A 204 7.94 -21.20 -6.09
CA ALA A 204 7.70 -20.44 -4.87
C ALA A 204 7.17 -21.35 -3.76
N LEU A 205 7.73 -21.20 -2.56
CA LEU A 205 7.27 -21.95 -1.40
C LEU A 205 5.82 -21.61 -1.07
N LEU A 206 4.99 -22.65 -0.98
CA LEU A 206 3.61 -22.47 -0.52
C LEU A 206 3.41 -22.87 0.93
N TRP A 207 4.02 -23.98 1.35
CA TRP A 207 3.90 -24.47 2.72
C TRP A 207 5.28 -24.92 3.18
N ARG A 208 5.84 -24.23 4.16
CA ARG A 208 7.13 -24.62 4.70
C ARG A 208 6.94 -25.76 5.69
N ALA A 209 7.65 -26.86 5.48
CA ALA A 209 7.52 -28.00 6.37
C ALA A 209 7.92 -27.61 7.79
N GLU A 210 7.34 -28.32 8.76
CA GLU A 210 7.64 -28.07 10.16
C GLU A 210 9.11 -28.30 10.44
N ARG A 211 9.78 -27.27 10.96
CA ARG A 211 11.18 -27.42 11.37
C ARG A 211 11.28 -27.43 12.89
N PRO A 212 12.22 -28.18 13.44
CA PRO A 212 12.35 -28.25 14.91
C PRO A 212 12.73 -26.88 15.49
N GLY A 213 11.84 -26.36 16.35
CA GLY A 213 12.04 -25.07 16.97
C GLY A 213 11.18 -23.95 16.42
N GLU A 214 10.40 -24.22 15.37
CA GLU A 214 9.52 -23.20 14.82
C GLU A 214 8.07 -23.53 15.13
N PRO A 215 7.23 -22.54 15.46
CA PRO A 215 5.79 -22.80 15.59
C PRO A 215 5.21 -23.33 14.27
N SER A 216 4.16 -24.13 14.40
CA SER A 216 3.60 -24.87 13.27
C SER A 216 2.08 -24.86 13.33
N TRP A 217 1.47 -25.27 12.22
CA TRP A 217 0.02 -25.35 12.09
C TRP A 217 -0.33 -26.66 11.39
N PRO A 218 -1.41 -27.32 11.80
CA PRO A 218 -1.80 -28.56 11.13
C PRO A 218 -2.34 -28.32 9.73
N SER A 219 -2.24 -29.35 8.90
CA SER A 219 -2.72 -29.28 7.52
C SER A 219 -2.79 -30.69 6.97
N PRO A 220 -3.61 -30.91 5.92
CA PRO A 220 -3.65 -32.23 5.29
C PRO A 220 -2.36 -32.64 4.60
N PHE A 221 -1.45 -31.70 4.34
CA PHE A 221 -0.18 -32.03 3.69
C PHE A 221 0.99 -31.86 4.66
N GLY A 222 0.73 -32.01 5.94
CA GLY A 222 1.77 -31.93 6.94
C GLY A 222 1.73 -30.61 7.71
N ARG A 223 2.37 -30.62 8.87
CA ARG A 223 2.44 -29.41 9.68
C ARG A 223 3.48 -28.45 9.12
N GLY A 224 3.26 -27.15 9.37
CA GLY A 224 4.22 -26.15 8.93
C GLY A 224 3.61 -24.75 8.93
N ARG A 225 4.24 -23.87 8.16
CA ARG A 225 3.86 -22.46 8.07
C ARG A 225 3.52 -22.09 6.62
N PRO A 226 2.64 -21.11 6.42
CA PRO A 226 2.33 -20.68 5.05
C PRO A 226 3.48 -19.94 4.41
N GLY A 227 3.49 -19.95 3.07
CA GLY A 227 4.40 -19.11 2.33
C GLY A 227 3.91 -17.67 2.27
N TRP A 228 4.87 -16.76 2.11
CA TRP A 228 4.53 -15.33 2.18
C TRP A 228 3.47 -14.97 1.13
N HIS A 229 3.73 -15.31 -0.13
CA HIS A 229 2.87 -14.83 -1.22
C HIS A 229 1.47 -15.44 -1.16
N VAL A 230 1.36 -16.69 -0.71
CA VAL A 230 0.05 -17.32 -0.62
C VAL A 230 -0.77 -16.74 0.54
N GLU A 231 -0.11 -16.22 1.58
CA GLU A 231 -0.81 -15.48 2.63
C GLU A 231 -1.66 -14.37 2.02
N CYS A 232 -1.03 -13.47 1.26
CA CYS A 232 -1.76 -12.32 0.70
C CYS A 232 -2.75 -12.77 -0.35
N SER A 233 -2.35 -13.75 -1.15
CA SER A 233 -3.22 -14.25 -2.21
C SER A 233 -4.51 -14.81 -1.61
N ALA A 234 -4.40 -15.49 -0.47
CA ALA A 234 -5.55 -16.12 0.16
C ALA A 234 -6.44 -15.10 0.85
N ILE A 235 -5.84 -14.15 1.57
CA ILE A 235 -6.64 -13.12 2.25
C ILE A 235 -7.46 -12.33 1.24
N ALA A 236 -6.81 -11.87 0.17
CA ALA A 236 -7.52 -11.07 -0.83
C ALA A 236 -8.62 -11.86 -1.51
N LEU A 237 -8.37 -13.15 -1.78
CA LEU A 237 -9.37 -13.97 -2.47
C LEU A 237 -10.59 -14.23 -1.61
N THR A 238 -10.39 -14.56 -0.33
CA THR A 238 -11.54 -14.86 0.53
C THR A 238 -12.28 -13.61 0.97
N ARG A 239 -11.58 -12.47 1.08
CA ARG A 239 -12.19 -11.24 1.56
C ARG A 239 -12.74 -10.36 0.45
N ILE A 240 -12.24 -10.49 -0.77
CA ILE A 240 -12.64 -9.60 -1.86
C ILE A 240 -13.12 -10.41 -3.06
N GLY A 241 -12.39 -11.46 -3.42
CA GLY A 241 -12.76 -12.30 -4.54
C GLY A 241 -12.08 -11.86 -5.83
N THR A 242 -12.59 -12.45 -6.93
CA THR A 242 -11.98 -12.22 -8.24
C THR A 242 -12.05 -10.77 -8.68
N GLY A 243 -13.01 -9.99 -8.19
CA GLY A 243 -13.16 -8.61 -8.65
C GLY A 243 -12.29 -7.60 -7.92
N LEU A 244 -10.99 -7.86 -7.80
CA LEU A 244 -10.09 -6.97 -7.07
C LEU A 244 -9.66 -5.82 -7.98
N ASP A 245 -9.96 -4.59 -7.56
CA ASP A 245 -9.62 -3.45 -8.41
C ASP A 245 -8.14 -3.09 -8.34
N ILE A 246 -7.55 -3.13 -7.14
CA ILE A 246 -6.19 -2.65 -6.95
C ILE A 246 -5.45 -3.61 -6.03
N GLN A 247 -4.31 -4.09 -6.49
CA GLN A 247 -3.31 -4.68 -5.63
C GLN A 247 -2.22 -3.63 -5.43
N GLY A 248 -1.95 -3.28 -4.18
CA GLY A 248 -1.08 -2.17 -3.88
C GLY A 248 0.08 -2.53 -2.97
N GLY A 249 1.13 -1.73 -3.07
CA GLY A 249 2.22 -1.80 -2.14
C GLY A 249 3.44 -1.09 -2.69
N GLY A 250 4.52 -1.18 -1.93
CA GLY A 250 5.78 -0.61 -2.36
C GLY A 250 6.36 -1.34 -3.55
N SER A 251 7.31 -0.67 -4.21
CA SER A 251 7.87 -1.18 -5.45
C SER A 251 8.77 -2.40 -5.25
N ASP A 252 9.26 -2.62 -4.04
CA ASP A 252 10.03 -3.83 -3.79
C ASP A 252 9.15 -5.07 -3.86
N LEU A 253 7.82 -4.92 -3.76
CA LEU A 253 6.88 -6.02 -3.86
C LEU A 253 6.54 -6.42 -5.29
N ILE A 254 7.03 -5.68 -6.29
CA ILE A 254 6.72 -6.02 -7.69
C ILE A 254 7.16 -7.45 -8.00
N PHE A 255 8.40 -7.80 -7.65
CA PHE A 255 8.85 -9.17 -7.77
C PHE A 255 9.79 -9.45 -6.61
N PRO A 256 9.63 -10.59 -5.92
CA PRO A 256 8.70 -11.68 -6.26
C PRO A 256 7.24 -11.53 -5.81
N HIS A 257 7.01 -10.72 -4.78
CA HIS A 257 5.81 -10.89 -3.96
C HIS A 257 4.53 -10.80 -4.78
N HIS A 258 4.36 -9.72 -5.54
CA HIS A 258 3.08 -9.57 -6.24
C HIS A 258 2.99 -10.43 -7.49
N GLU A 259 4.13 -10.83 -8.07
CA GLU A 259 4.07 -11.75 -9.20
C GLU A 259 3.54 -13.11 -8.76
N TYR A 260 4.10 -13.66 -7.68
CA TYR A 260 3.68 -14.98 -7.22
C TYR A 260 2.29 -14.93 -6.59
N SER A 261 2.00 -13.88 -5.82
CA SER A 261 0.69 -13.77 -5.22
C SER A 261 -0.40 -13.68 -6.29
N ALA A 262 -0.11 -13.00 -7.40
CA ALA A 262 -1.07 -12.98 -8.50
C ALA A 262 -1.12 -14.33 -9.23
N ALA A 263 0.03 -14.99 -9.38
CA ALA A 263 0.05 -16.27 -10.09
C ALA A 263 -0.70 -17.35 -9.34
N HIS A 264 -0.51 -17.43 -8.01
CA HIS A 264 -1.31 -18.33 -7.18
C HIS A 264 -2.80 -18.16 -7.44
N ALA A 265 -3.29 -16.91 -7.35
CA ALA A 265 -4.72 -16.67 -7.44
C ALA A 265 -5.26 -16.94 -8.84
N GLU A 266 -4.51 -16.53 -9.87
CA GLU A 266 -4.96 -16.81 -11.23
C GLU A 266 -4.97 -18.31 -11.50
N SER A 267 -4.09 -19.05 -10.83
CA SER A 267 -4.07 -20.50 -11.02
C SER A 267 -5.35 -21.14 -10.51
N VAL A 268 -5.81 -20.77 -9.31
CA VAL A 268 -7.00 -21.39 -8.75
C VAL A 268 -8.27 -20.84 -9.37
N THR A 269 -8.38 -19.52 -9.59
CA THR A 269 -9.62 -18.96 -10.09
C THR A 269 -9.77 -19.09 -11.60
N GLY A 270 -8.68 -19.25 -12.34
CA GLY A 270 -8.75 -19.29 -13.78
C GLY A 270 -8.82 -17.94 -14.45
N GLU A 271 -9.01 -16.85 -13.71
CA GLU A 271 -9.08 -15.53 -14.32
C GLU A 271 -7.72 -15.12 -14.85
N ARG A 272 -7.73 -14.26 -15.87
CA ARG A 272 -6.47 -13.84 -16.48
C ARG A 272 -5.67 -12.91 -15.56
N ARG A 273 -6.34 -12.09 -14.76
CA ARG A 273 -5.63 -11.10 -13.95
C ARG A 273 -6.15 -11.10 -12.52
N PHE A 274 -5.24 -11.32 -11.57
CA PHE A 274 -5.61 -11.29 -10.15
C PHE A 274 -6.20 -9.94 -9.76
N ALA A 275 -5.55 -8.84 -10.16
CA ALA A 275 -6.03 -7.50 -9.89
C ALA A 275 -6.15 -6.71 -11.19
N ARG A 276 -7.19 -5.87 -11.28
CA ARG A 276 -7.33 -5.02 -12.46
C ARG A 276 -6.25 -3.94 -12.53
N HIS A 277 -5.61 -3.62 -11.41
CA HIS A 277 -4.52 -2.63 -11.39
C HIS A 277 -3.48 -3.08 -10.38
N TYR A 278 -2.21 -3.04 -10.79
CA TYR A 278 -1.08 -3.20 -9.87
C TYR A 278 -0.45 -1.83 -9.69
N VAL A 279 -0.49 -1.30 -8.47
CA VAL A 279 -0.16 0.09 -8.15
C VAL A 279 0.98 0.12 -7.15
N HIS A 280 2.12 0.68 -7.55
CA HIS A 280 3.34 0.62 -6.75
C HIS A 280 3.93 2.01 -6.53
N THR A 281 4.35 2.25 -5.29
CA THR A 281 4.85 3.54 -4.83
C THR A 281 6.37 3.56 -4.82
N GLY A 282 6.93 4.75 -5.05
CA GLY A 282 8.36 4.92 -4.95
C GLY A 282 8.84 4.80 -3.52
N MET A 283 10.15 4.65 -3.36
CA MET A 283 10.68 4.60 -2.03
C MET A 283 11.00 6.01 -1.53
N ILE A 284 11.12 6.15 -0.22
CA ILE A 284 11.52 7.40 0.40
C ILE A 284 12.83 7.13 1.14
N GLY A 285 13.92 7.71 0.65
CA GLY A 285 15.21 7.57 1.28
C GLY A 285 15.62 8.82 2.04
N TRP A 286 16.91 8.86 2.39
CA TRP A 286 17.46 9.99 3.14
C TRP A 286 18.94 10.12 2.80
N ASP A 287 19.34 11.31 2.36
CA ASP A 287 20.73 11.62 2.06
C ASP A 287 21.36 10.59 1.12
N GLY A 288 20.72 10.43 -0.04
CA GLY A 288 21.23 9.55 -1.09
C GLY A 288 21.26 8.09 -0.73
N HIS A 289 20.61 7.68 0.35
CA HIS A 289 20.73 6.33 0.90
C HIS A 289 19.36 5.77 1.21
N LYS A 290 19.23 4.45 1.05
CA LYS A 290 18.04 3.75 1.52
C LYS A 290 18.03 3.74 3.04
N MET A 291 16.83 3.71 3.61
CA MET A 291 16.64 3.79 5.05
C MET A 291 16.59 2.39 5.64
N SER A 292 17.38 2.16 6.68
CA SER A 292 17.46 0.86 7.32
C SER A 292 18.10 1.03 8.68
N LYS A 293 17.86 0.04 9.56
CA LYS A 293 18.44 0.09 10.89
C LYS A 293 19.96 0.00 10.87
N SER A 294 20.54 -0.62 9.83
CA SER A 294 21.99 -0.74 9.75
C SER A 294 22.65 0.62 9.58
N ARG A 295 22.18 1.42 8.61
CA ARG A 295 22.79 2.72 8.37
C ARG A 295 22.45 3.73 9.45
N GLY A 296 21.49 3.43 10.33
CA GLY A 296 21.08 4.39 11.33
C GLY A 296 20.47 5.65 10.79
N ASN A 297 19.92 5.61 9.57
CA ASN A 297 19.29 6.77 8.94
C ASN A 297 17.77 6.66 8.94
N LEU A 298 17.19 5.84 9.81
CA LEU A 298 15.76 5.60 9.83
C LEU A 298 15.01 6.87 10.20
N VAL A 299 14.19 7.37 9.27
CA VAL A 299 13.31 8.50 9.52
C VAL A 299 11.91 7.94 9.80
N LEU A 300 11.52 7.99 11.07
CA LEU A 300 10.25 7.47 11.53
C LEU A 300 9.20 8.58 11.61
N VAL A 301 7.93 8.17 11.58
CA VAL A 301 6.85 9.13 11.74
C VAL A 301 6.74 9.59 13.20
N SER A 302 6.86 8.67 14.14
CA SER A 302 6.75 9.06 15.55
C SER A 302 7.92 9.93 15.99
N GLN A 303 9.09 9.75 15.34
CA GLN A 303 10.22 10.63 15.58
C GLN A 303 9.89 12.07 15.21
N LEU A 304 9.31 12.27 14.02
CA LEU A 304 8.94 13.62 13.62
C LEU A 304 7.84 14.18 14.50
N ARG A 305 6.86 13.35 14.85
CA ARG A 305 5.79 13.83 15.72
C ARG A 305 6.34 14.25 17.07
N ALA A 306 7.33 13.51 17.59
CA ALA A 306 7.96 13.91 18.84
C ALA A 306 8.66 15.25 18.70
N GLN A 307 9.30 15.49 17.56
CA GLN A 307 9.98 16.75 17.32
C GLN A 307 9.03 17.91 17.09
N GLY A 308 7.73 17.67 17.11
CA GLY A 308 6.75 18.73 16.96
C GLY A 308 6.42 19.06 15.52
N VAL A 309 6.31 18.03 14.67
CA VAL A 309 5.97 18.21 13.26
C VAL A 309 4.48 17.94 13.09
N ASP A 310 3.77 18.90 12.51
CA ASP A 310 2.35 18.72 12.23
C ASP A 310 2.16 17.53 11.30
N PRO A 311 1.29 16.57 11.64
CA PRO A 311 1.09 15.43 10.74
C PRO A 311 0.68 15.85 9.34
N SER A 312 -0.18 16.88 9.24
CA SER A 312 -0.55 17.39 7.93
C SER A 312 0.67 17.85 7.13
N ALA A 313 1.66 18.44 7.82
CA ALA A 313 2.87 18.83 7.12
C ALA A 313 3.61 17.61 6.57
N ILE A 314 3.59 16.48 7.28
CA ILE A 314 4.19 15.26 6.76
C ILE A 314 3.50 14.84 5.47
N ARG A 315 2.15 14.84 5.47
CA ARG A 315 1.40 14.50 4.25
C ARG A 315 1.81 15.39 3.09
N LEU A 316 1.81 16.72 3.30
CA LEU A 316 2.13 17.64 2.20
C LEU A 316 3.56 17.46 1.72
N GLY A 317 4.50 17.23 2.64
CA GLY A 317 5.86 16.93 2.23
C GLY A 317 5.92 15.73 1.29
N LEU A 318 5.26 14.64 1.68
CA LEU A 318 5.23 13.45 0.84
C LEU A 318 4.43 13.69 -0.43
N PHE A 319 3.37 14.51 -0.37
CA PHE A 319 2.58 14.75 -1.56
C PHE A 319 3.26 15.72 -2.52
N SER A 320 4.28 16.44 -2.08
CA SER A 320 4.99 17.36 -2.97
C SER A 320 5.70 16.63 -4.09
N GLY A 321 5.89 15.31 -3.97
CA GLY A 321 6.40 14.52 -5.07
C GLY A 321 5.38 13.51 -5.53
N HIS A 322 5.47 13.09 -6.78
CA HIS A 322 4.55 12.08 -7.31
C HIS A 322 4.79 10.72 -6.65
N TYR A 323 3.69 10.02 -6.35
CA TYR A 323 3.76 8.78 -5.57
C TYR A 323 4.64 7.72 -6.22
N ARG A 324 4.79 7.74 -7.56
CA ARG A 324 5.61 6.77 -8.27
C ARG A 324 7.08 7.13 -8.33
N GLU A 325 7.47 8.31 -7.88
CA GLU A 325 8.86 8.73 -7.96
C GLU A 325 9.60 8.26 -6.72
N ASP A 326 10.70 7.54 -6.93
CA ASP A 326 11.65 7.33 -5.86
C ASP A 326 12.30 8.67 -5.54
N ARG A 327 12.18 9.11 -4.29
CA ARG A 327 12.66 10.43 -3.88
C ARG A 327 13.14 10.35 -2.44
N PHE A 328 13.61 11.48 -1.93
CA PHE A 328 14.28 11.55 -0.63
C PHE A 328 13.59 12.59 0.26
N TRP A 329 13.39 12.21 1.52
CA TRP A 329 12.99 13.15 2.55
C TRP A 329 14.20 13.99 2.97
N SER A 330 13.95 15.25 3.31
CA SER A 330 15.01 16.15 3.73
C SER A 330 14.40 17.28 4.55
N ASN A 331 15.25 18.02 5.25
CA ASN A 331 14.74 19.14 6.02
C ASN A 331 14.20 20.24 5.11
N GLU A 332 14.78 20.38 3.91
CA GLU A 332 14.24 21.30 2.92
C GLU A 332 12.81 20.92 2.55
N VAL A 333 12.53 19.62 2.42
CA VAL A 333 11.17 19.18 2.11
C VAL A 333 10.23 19.53 3.26
N LEU A 334 10.66 19.28 4.50
CA LEU A 334 9.85 19.61 5.65
C LEU A 334 9.57 21.11 5.74
N ASP A 335 10.60 21.92 5.51
CA ASP A 335 10.44 23.37 5.60
C ASP A 335 9.42 23.87 4.57
N GLU A 336 9.46 23.32 3.36
CA GLU A 336 8.49 23.73 2.34
C GLU A 336 7.10 23.25 2.68
N ALA A 337 6.98 22.10 3.34
CA ALA A 337 5.67 21.61 3.74
C ALA A 337 5.09 22.45 4.86
N ASN A 338 5.93 22.85 5.82
CA ASN A 338 5.48 23.78 6.85
C ASN A 338 5.06 25.11 6.26
N ALA A 339 5.84 25.65 5.31
CA ALA A 339 5.48 26.93 4.72
C ALA A 339 4.17 26.81 3.94
N ARG A 340 4.00 25.71 3.20
CA ARG A 340 2.76 25.50 2.46
C ARG A 340 1.57 25.37 3.40
N LEU A 341 1.70 24.53 4.44
CA LEU A 341 0.62 24.37 5.41
C LEU A 341 0.25 25.71 6.04
N ALA A 342 1.26 26.51 6.43
CA ALA A 342 0.97 27.80 7.04
C ALA A 342 0.26 28.71 6.07
N ARG A 343 0.63 28.66 4.79
CA ARG A 343 -0.03 29.51 3.80
C ARG A 343 -1.43 29.04 3.49
N TRP A 344 -1.65 27.72 3.42
CA TRP A 344 -2.99 27.22 3.17
C TRP A 344 -3.92 27.56 4.34
N ARG A 345 -3.40 27.46 5.56
CA ARG A 345 -4.19 27.81 6.73
C ARG A 345 -4.55 29.30 6.73
N SER A 346 -3.61 30.16 6.32
CA SER A 346 -3.89 31.60 6.30
C SER A 346 -5.02 31.94 5.35
N ALA A 347 -5.00 31.37 4.15
CA ALA A 347 -5.99 31.73 3.13
C ALA A 347 -7.36 31.18 3.48
N THR A 348 -7.43 29.95 3.97
CA THR A 348 -8.71 29.35 4.29
C THR A 348 -9.33 29.95 5.55
N ALA A 349 -8.58 30.77 6.29
CA ALA A 349 -9.09 31.48 7.45
C ALA A 349 -9.71 32.83 7.11
N LEU A 350 -9.50 33.34 5.90
CA LEU A 350 -10.08 34.63 5.53
C LEU A 350 -11.60 34.58 5.56
N PRO A 351 -12.26 35.70 5.91
CA PRO A 351 -13.73 35.71 5.88
C PRO A 351 -14.31 35.66 4.48
N GLU A 352 -13.56 36.12 3.48
CA GLU A 352 -14.00 36.09 2.09
C GLU A 352 -12.77 35.86 1.21
N ALA A 353 -13.00 35.28 0.03
CA ALA A 353 -11.91 34.92 -0.86
C ALA A 353 -12.44 34.88 -2.28
N PRO A 354 -11.58 34.66 -3.28
CA PRO A 354 -12.08 34.47 -4.65
C PRO A 354 -12.87 33.18 -4.77
N ASP A 355 -13.66 33.11 -5.84
CA ASP A 355 -14.37 31.88 -6.18
C ASP A 355 -13.39 30.73 -6.29
N ALA A 356 -13.78 29.57 -5.73
CA ALA A 356 -12.91 28.40 -5.68
C ALA A 356 -13.38 27.29 -6.61
N THR A 357 -14.40 27.54 -7.42
CA THR A 357 -14.97 26.49 -8.24
C THR A 357 -13.94 25.93 -9.22
N ASP A 358 -13.18 26.80 -9.88
CA ASP A 358 -12.23 26.34 -10.90
C ASP A 358 -11.07 25.55 -10.28
N VAL A 359 -10.56 26.00 -9.13
CA VAL A 359 -9.40 25.34 -8.57
C VAL A 359 -9.79 23.98 -7.99
N ILE A 360 -10.96 23.90 -7.36
CA ILE A 360 -11.44 22.61 -6.87
C ILE A 360 -11.63 21.66 -8.04
N ALA A 361 -12.16 22.17 -9.16
CA ALA A 361 -12.29 21.33 -10.34
C ALA A 361 -10.92 20.86 -10.83
N ARG A 362 -9.95 21.77 -10.89
CA ARG A 362 -8.62 21.38 -11.34
C ARG A 362 -7.96 20.40 -10.37
N VAL A 363 -8.17 20.59 -9.07
CA VAL A 363 -7.61 19.65 -8.09
C VAL A 363 -8.18 18.25 -8.32
N ARG A 364 -9.50 18.15 -8.52
CA ARG A 364 -10.11 16.85 -8.75
C ARG A 364 -9.58 16.21 -10.04
N GLN A 365 -9.40 17.02 -11.08
CA GLN A 365 -8.84 16.50 -12.32
C GLN A 365 -7.41 16.02 -12.13
N TYR A 366 -6.60 16.82 -11.43
CA TYR A 366 -5.20 16.46 -11.20
C TYR A 366 -5.07 15.17 -10.40
N LEU A 367 -5.91 14.98 -9.38
CA LEU A 367 -5.81 13.76 -8.59
C LEU A 367 -6.34 12.57 -9.38
N ALA A 368 -7.37 12.79 -10.20
CA ALA A 368 -7.83 11.74 -11.09
C ALA A 368 -6.75 11.32 -12.09
N ASP A 369 -5.84 12.23 -12.43
CA ASP A 369 -4.80 11.95 -13.42
C ASP A 369 -3.60 11.28 -12.76
N ASP A 370 -3.80 10.02 -12.35
CA ASP A 370 -2.74 9.22 -11.71
C ASP A 370 -2.19 9.91 -10.47
N LEU A 371 -3.06 10.53 -9.68
CA LEU A 371 -2.69 11.12 -8.39
C LEU A 371 -1.59 12.17 -8.54
N ASP A 372 -1.81 13.12 -9.45
CA ASP A 372 -0.84 14.19 -9.67
C ASP A 372 -0.96 15.21 -8.54
N THR A 373 -0.37 14.86 -7.39
CA THR A 373 -0.42 15.73 -6.22
C THR A 373 0.46 16.97 -6.36
N PRO A 374 1.60 16.93 -7.06
CA PRO A 374 2.31 18.20 -7.33
C PRO A 374 1.44 19.23 -8.01
N LYS A 375 0.78 18.85 -9.12
CA LYS A 375 -0.12 19.79 -9.78
C LYS A 375 -1.25 20.22 -8.84
N ALA A 376 -1.79 19.28 -8.05
CA ALA A 376 -2.83 19.64 -7.09
C ALA A 376 -2.32 20.65 -6.06
N LEU A 377 -1.14 20.41 -5.50
CA LEU A 377 -0.60 21.33 -4.52
C LEU A 377 -0.34 22.70 -5.13
N ALA A 378 0.24 22.73 -6.32
CA ALA A 378 0.58 24.00 -6.96
C ALA A 378 -0.66 24.79 -7.32
N ALA A 379 -1.73 24.09 -7.72
CA ALA A 379 -2.97 24.78 -8.03
C ALA A 379 -3.58 25.41 -6.79
N LEU A 380 -3.49 24.71 -5.65
CA LEU A 380 -4.01 25.28 -4.41
C LEU A 380 -3.14 26.43 -3.93
N ASP A 381 -1.81 26.30 -4.08
CA ASP A 381 -0.93 27.43 -3.77
C ASP A 381 -1.38 28.68 -4.51
N GLY A 382 -1.73 28.54 -5.79
CA GLY A 382 -2.07 29.70 -6.60
C GLY A 382 -3.33 30.39 -6.13
N TRP A 383 -4.34 29.61 -5.74
CA TRP A 383 -5.57 30.20 -5.23
C TRP A 383 -5.33 30.88 -3.89
N CYS A 384 -4.56 30.25 -3.01
CA CYS A 384 -4.23 30.87 -1.73
C CYS A 384 -3.50 32.19 -1.93
N THR A 385 -2.55 32.23 -2.88
CA THR A 385 -1.86 33.48 -3.17
C THR A 385 -2.79 34.52 -3.77
N ASP A 386 -3.72 34.10 -4.62
CA ASP A 386 -4.74 35.05 -5.08
C ASP A 386 -5.57 35.56 -3.91
N ALA A 387 -5.99 34.65 -3.03
CA ALA A 387 -6.81 35.04 -1.89
C ALA A 387 -6.10 36.04 -1.00
N LEU A 388 -4.81 35.82 -0.73
CA LEU A 388 -4.08 36.68 0.19
C LEU A 388 -3.58 37.97 -0.46
N SER A 389 -3.38 37.98 -1.78
CA SER A 389 -2.94 39.19 -2.46
C SER A 389 -4.11 40.10 -2.85
N TYR A 390 -5.24 39.52 -3.27
CA TYR A 390 -6.33 40.30 -3.82
C TYR A 390 -7.65 40.17 -3.07
N GLY A 391 -7.80 39.16 -2.22
CA GLY A 391 -9.08 39.01 -1.57
C GLY A 391 -10.16 38.59 -2.57
N GLY A 392 -11.40 38.71 -2.12
CA GLY A 392 -12.56 38.38 -2.92
C GLY A 392 -13.81 38.60 -2.11
N HIS A 393 -14.96 38.31 -2.73
CA HIS A 393 -16.25 38.53 -2.09
C HIS A 393 -17.05 37.25 -1.90
N ASP A 394 -16.43 36.08 -2.02
CA ASP A 394 -17.08 34.79 -1.78
C ASP A 394 -16.86 34.40 -0.33
N THR A 395 -17.92 34.45 0.47
CA THR A 395 -17.79 34.11 1.88
C THR A 395 -17.76 32.61 2.14
N GLU A 396 -17.94 31.77 1.12
CA GLU A 396 -17.94 30.33 1.31
C GLU A 396 -16.66 29.64 0.87
N SER A 397 -15.92 30.24 -0.06
CA SER A 397 -14.76 29.55 -0.63
C SER A 397 -13.63 29.27 0.36
N PRO A 398 -13.37 30.09 1.40
CA PRO A 398 -12.32 29.67 2.33
C PRO A 398 -12.65 28.34 3.00
N ARG A 399 -13.90 28.18 3.44
CA ARG A 399 -14.31 26.89 4.02
C ARG A 399 -14.38 25.81 2.94
N LEU A 400 -14.82 26.17 1.73
CA LEU A 400 -14.95 25.17 0.68
C LEU A 400 -13.61 24.55 0.35
N VAL A 401 -12.56 25.37 0.26
CA VAL A 401 -11.24 24.84 -0.03
C VAL A 401 -10.72 24.02 1.14
N ALA A 402 -10.96 24.50 2.38
CA ALA A 402 -10.50 23.77 3.55
C ALA A 402 -11.11 22.38 3.60
N THR A 403 -12.43 22.26 3.33
CA THR A 403 -13.05 20.94 3.39
C THR A 403 -12.65 20.09 2.20
N THR A 404 -12.41 20.70 1.04
CA THR A 404 -11.88 19.95 -0.09
C THR A 404 -10.53 19.34 0.24
N VAL A 405 -9.65 20.15 0.83
CA VAL A 405 -8.33 19.66 1.19
C VAL A 405 -8.43 18.58 2.26
N ASP A 406 -9.39 18.70 3.18
CA ASP A 406 -9.58 17.67 4.20
C ASP A 406 -10.02 16.35 3.56
N ALA A 407 -11.11 16.39 2.79
CA ALA A 407 -11.71 15.16 2.28
C ALA A 407 -10.82 14.46 1.26
N LEU A 408 -10.15 15.22 0.38
CA LEU A 408 -9.42 14.63 -0.73
C LEU A 408 -7.96 14.40 -0.42
N LEU A 409 -7.36 15.22 0.43
CA LEU A 409 -5.94 15.08 0.77
C LEU A 409 -5.71 14.69 2.22
N GLY A 410 -6.75 14.67 3.05
CA GLY A 410 -6.56 14.31 4.44
C GLY A 410 -5.81 15.33 5.26
N VAL A 411 -5.65 16.54 4.74
CA VAL A 411 -4.92 17.60 5.42
C VAL A 411 -5.90 18.42 6.24
N ASP A 412 -5.60 18.62 7.52
CA ASP A 412 -6.45 19.38 8.43
C ASP A 412 -5.85 20.77 8.64
N LEU A 413 -6.50 21.77 8.05
CA LEU A 413 -6.00 23.14 8.09
C LEU A 413 -6.30 23.83 9.42
CA CA B . -19.55 13.44 -4.16
ZN ZN C . 1.55 -8.83 0.61
#